data_3NJN
#
_entry.id   3NJN
#
_cell.length_a   72.351
_cell.length_b   72.351
_cell.length_c   256.008
_cell.angle_alpha   90.000
_cell.angle_beta   90.000
_cell.angle_gamma   120.000
#
_symmetry.space_group_name_H-M   'H 3 2'
#
loop_
_entity.id
_entity.type
_entity.pdbx_description
1 polymer Peptidase
2 polymer Peptidase
3 non-polymer (4S)-2-METHYL-2,4-PENTANEDIOL
4 non-polymer 'CALCIUM ION'
5 water water
#
loop_
_entity_poly.entity_id
_entity_poly.type
_entity_poly.pdbx_seq_one_letter_code
_entity_poly.pdbx_strand_id
1 'polypeptide(L)'
;SNAMFAPQGLAQFIKVNVTLENGEPVFIYTDANGQVCQGDITVTQAGTITYLLNDQTLKGLKFVGVGFVTPFDGIIDAVT
ISSDGMLVQLVDLDKTPGTTKFQFVLSNTANTLLVLSPD
;
A,C
2 'polypeptide(L)' PAIINRPQN B,D
#
loop_
_chem_comp.id
_chem_comp.type
_chem_comp.name
_chem_comp.formula
CA non-polymer 'CALCIUM ION' 'Ca 2'
MPD non-polymer (4S)-2-METHYL-2,4-PENTANEDIOL 'C6 H14 O2'
#
# COMPACT_ATOMS: atom_id res chain seq x y z
N ALA A 6 -20.32 29.74 10.43
CA ALA A 6 -19.30 28.91 9.71
C ALA A 6 -19.50 27.42 10.01
N PRO A 7 -19.78 26.62 8.98
CA PRO A 7 -20.01 25.20 9.24
C PRO A 7 -18.75 24.55 9.78
N GLN A 8 -18.95 23.58 10.67
CA GLN A 8 -17.87 22.80 11.26
C GLN A 8 -18.27 21.34 11.23
N GLY A 9 -17.28 20.49 11.42
CA GLY A 9 -17.42 19.03 11.54
C GLY A 9 -16.77 18.41 12.76
N LEU A 10 -16.58 17.10 12.72
CA LEU A 10 -16.02 16.34 13.80
C LEU A 10 -14.61 15.86 13.45
N ALA A 11 -13.71 15.89 14.43
CA ALA A 11 -12.32 15.46 14.30
C ALA A 11 -12.16 14.21 15.13
N GLN A 12 -11.87 13.07 14.49
CA GLN A 12 -11.67 11.78 15.17
C GLN A 12 -10.18 11.47 15.15
N PHE A 13 -9.76 10.63 16.09
CA PHE A 13 -8.35 10.37 16.35
CA PHE A 13 -8.36 10.32 16.29
C PHE A 13 -8.15 8.88 16.62
N ILE A 14 -7.13 8.33 16.00
CA ILE A 14 -6.69 6.97 16.26
C ILE A 14 -5.16 6.96 16.31
N LYS A 15 -4.62 6.24 17.30
CA LYS A 15 -3.20 5.97 17.38
C LYS A 15 -2.92 4.60 16.76
N VAL A 16 -1.96 4.61 15.86
CA VAL A 16 -1.52 3.43 15.11
C VAL A 16 -0.26 2.90 15.77
N ASN A 17 -0.42 1.89 16.60
CA ASN A 17 0.69 1.33 17.34
C ASN A 17 1.23 0.15 16.53
N VAL A 18 2.52 0.10 16.32
CA VAL A 18 3.09 -0.97 15.51
C VAL A 18 4.18 -1.68 16.31
N THR A 19 4.03 -3.00 16.40
CA THR A 19 5.03 -3.85 17.01
C THR A 19 5.41 -4.94 16.01
N LEU A 20 6.33 -5.83 16.39
CA LEU A 20 6.65 -7.01 15.61
C LEU A 20 6.23 -8.29 16.33
N GLU A 21 5.89 -9.27 15.48
CA GLU A 21 5.64 -10.61 15.95
C GLU A 21 6.19 -11.52 14.88
N ASN A 22 7.05 -12.47 15.27
CA ASN A 22 7.78 -13.30 14.31
C ASN A 22 8.43 -12.47 13.20
N GLY A 23 8.98 -11.34 13.62
CA GLY A 23 9.74 -10.48 12.75
C GLY A 23 8.92 -9.59 11.82
N GLU A 24 7.58 -9.64 11.90
CA GLU A 24 6.72 -8.92 10.96
C GLU A 24 5.78 -8.00 11.68
N PRO A 25 5.34 -6.90 11.03
CA PRO A 25 4.55 -5.87 11.73
C PRO A 25 3.17 -6.38 12.17
N VAL A 26 2.75 -5.83 13.30
CA VAL A 26 1.45 -6.02 13.86
C VAL A 26 0.94 -4.63 14.24
N PHE A 27 -0.23 -4.31 13.69
CA PHE A 27 -0.88 -3.00 13.89
C PHE A 27 -1.97 -3.13 14.95
N ILE A 28 -1.88 -2.32 15.99
CA ILE A 28 -2.87 -2.31 17.07
C ILE A 28 -3.30 -0.89 17.24
N TYR A 29 -4.62 -0.66 17.19
CA TYR A 29 -5.16 0.69 17.24
C TYR A 29 -5.63 1.02 18.63
N THR A 30 -5.35 2.23 19.08
CA THR A 30 -5.91 2.73 20.35
C THR A 30 -6.59 4.07 20.08
N ASP A 31 -7.61 4.35 20.89
CA ASP A 31 -8.45 5.48 20.70
C ASP A 31 -7.97 6.64 21.54
N ALA A 32 -8.73 7.74 21.54
CA ALA A 32 -8.31 8.93 22.26
C ALA A 32 -8.32 8.72 23.78
N ASN A 33 -8.95 7.65 24.24
CA ASN A 33 -8.82 7.24 25.67
C ASN A 33 -7.64 6.30 25.95
N GLY A 34 -6.86 5.95 24.94
CA GLY A 34 -5.78 4.98 25.13
C GLY A 34 -6.22 3.51 25.11
N GLN A 35 -7.49 3.27 24.83
CA GLN A 35 -8.04 1.93 24.82
CA GLN A 35 -8.05 1.92 24.81
C GLN A 35 -7.89 1.28 23.46
N VAL A 36 -7.56 -0.01 23.47
CA VAL A 36 -7.49 -0.79 22.26
C VAL A 36 -8.85 -0.76 21.60
N CYS A 37 -8.86 -0.55 20.30
CA CYS A 37 -10.06 -0.55 19.51
C CYS A 37 -9.81 -1.28 18.22
N GLN A 38 -10.88 -1.55 17.50
CA GLN A 38 -10.76 -2.35 16.31
CA GLN A 38 -10.80 -2.32 16.27
C GLN A 38 -10.13 -1.54 15.14
N GLY A 39 -10.24 -0.21 15.19
CA GLY A 39 -9.53 0.71 14.28
C GLY A 39 -10.35 1.39 13.19
N ASP A 40 -11.54 0.84 13.00
CA ASP A 40 -12.44 1.34 12.02
C ASP A 40 -13.13 2.59 12.54
N ILE A 41 -13.52 3.49 11.66
CA ILE A 41 -14.12 4.75 12.03
C ILE A 41 -15.43 4.92 11.25
N THR A 42 -16.47 5.35 11.96
CA THR A 42 -17.74 5.75 11.36
C THR A 42 -17.80 7.27 11.32
N VAL A 43 -18.19 7.76 10.17
CA VAL A 43 -18.26 9.16 9.92
C VAL A 43 -19.72 9.48 9.67
N THR A 44 -20.24 10.29 10.58
CA THR A 44 -21.65 10.62 10.58
C THR A 44 -21.94 12.06 10.12
N GLN A 45 -20.90 12.86 9.97
CA GLN A 45 -20.99 14.16 9.30
CA GLN A 45 -20.98 14.16 9.29
C GLN A 45 -19.58 14.49 8.77
N ALA A 46 -19.50 15.52 7.92
CA ALA A 46 -18.21 15.96 7.39
C ALA A 46 -17.20 16.20 8.51
N GLY A 47 -15.92 15.88 8.25
CA GLY A 47 -14.88 16.03 9.23
C GLY A 47 -13.55 15.42 8.82
N THR A 48 -12.75 15.15 9.85
CA THR A 48 -11.38 14.68 9.66
C THR A 48 -11.15 13.45 10.53
N ILE A 49 -10.20 12.62 10.08
CA ILE A 49 -9.73 11.53 10.89
CA ILE A 49 -9.73 11.50 10.88
C ILE A 49 -8.21 11.62 10.89
N THR A 50 -7.62 11.67 12.07
CA THR A 50 -6.21 11.80 12.26
C THR A 50 -5.63 10.53 12.82
N TYR A 51 -4.59 10.02 12.18
CA TYR A 51 -3.89 8.82 12.61
C TYR A 51 -2.46 9.17 13.00
N LEU A 52 -2.10 8.83 14.23
CA LEU A 52 -0.80 9.13 14.80
CA LEU A 52 -0.78 9.11 14.78
C LEU A 52 0.02 7.86 14.88
N LEU A 53 1.22 7.82 14.29
CA LEU A 53 2.04 6.61 14.29
C LEU A 53 2.81 6.51 15.60
N ASN A 54 2.71 5.34 16.24
CA ASN A 54 3.54 4.99 17.39
C ASN A 54 4.31 3.72 17.02
N ASP A 55 5.45 3.93 16.40
CA ASP A 55 6.30 2.86 15.91
C ASP A 55 7.15 2.30 17.03
N GLN A 56 6.84 1.10 17.47
CA GLN A 56 7.59 0.37 18.48
C GLN A 56 8.30 -0.85 17.86
N THR A 57 8.68 -0.79 16.58
CA THR A 57 9.28 -1.94 15.83
C THR A 57 10.77 -1.88 15.77
N LEU A 58 11.41 -0.74 16.03
CA LEU A 58 12.85 -0.52 15.69
C LEU A 58 13.22 -0.58 14.19
N LYS A 59 12.22 -0.54 13.34
CA LYS A 59 12.40 -0.59 11.89
C LYS A 59 12.26 0.77 11.23
N GLY A 60 12.16 1.85 12.00
CA GLY A 60 12.17 3.17 11.43
C GLY A 60 11.00 3.46 10.51
N LEU A 61 9.80 3.05 10.91
CA LEU A 61 8.63 3.25 10.10
C LEU A 61 8.25 4.72 9.99
N LYS A 62 7.78 5.10 8.81
CA LYS A 62 7.22 6.43 8.55
CA LYS A 62 7.22 6.44 8.57
C LYS A 62 6.06 6.32 7.61
N PHE A 63 4.97 6.99 7.87
CA PHE A 63 3.92 7.04 6.86
C PHE A 63 4.41 7.68 5.59
N VAL A 64 4.02 7.12 4.45
CA VAL A 64 4.22 7.79 3.15
C VAL A 64 2.89 7.98 2.42
N GLY A 65 1.78 7.50 2.97
CA GLY A 65 0.49 7.73 2.41
C GLY A 65 -0.50 6.70 2.90
N VAL A 66 -1.72 6.77 2.36
CA VAL A 66 -2.81 5.87 2.68
C VAL A 66 -3.29 5.27 1.35
N GLY A 67 -3.29 3.95 1.26
CA GLY A 67 -3.59 3.26 0.02
C GLY A 67 -4.94 2.60 -0.01
N PHE A 68 -5.53 2.61 -1.17
CA PHE A 68 -6.87 2.14 -1.40
C PHE A 68 -6.91 1.25 -2.65
N VAL A 69 -7.56 0.10 -2.58
CA VAL A 69 -7.85 -0.70 -3.77
C VAL A 69 -8.95 -0.07 -4.59
N THR A 70 -9.81 0.75 -3.96
CA THR A 70 -10.89 1.45 -4.65
C THR A 70 -10.76 2.97 -4.41
N PRO A 71 -9.67 3.59 -4.92
CA PRO A 71 -9.35 4.97 -4.59
C PRO A 71 -10.30 6.00 -5.15
N PHE A 72 -11.20 5.58 -6.05
CA PHE A 72 -12.11 6.52 -6.68
C PHE A 72 -13.52 6.36 -6.17
N ASP A 73 -13.69 5.74 -5.01
CA ASP A 73 -15.04 5.44 -4.52
C ASP A 73 -15.71 6.64 -3.84
N GLY A 74 -14.97 7.73 -3.63
CA GLY A 74 -15.52 8.90 -3.08
C GLY A 74 -15.73 8.94 -1.57
N ILE A 75 -15.38 7.88 -0.86
CA ILE A 75 -15.62 7.87 0.57
C ILE A 75 -14.66 8.83 1.30
N ILE A 76 -13.38 8.79 0.95
CA ILE A 76 -12.38 9.73 1.45
C ILE A 76 -12.03 10.67 0.30
N ASP A 77 -12.01 11.94 0.62
CA ASP A 77 -11.75 13.03 -0.34
CA ASP A 77 -11.68 12.91 -0.44
C ASP A 77 -10.26 13.35 -0.55
N ALA A 78 -9.48 13.27 0.51
CA ALA A 78 -8.07 13.67 0.47
C ALA A 78 -7.31 13.03 1.64
N VAL A 79 -6.00 12.95 1.45
CA VAL A 79 -5.05 12.47 2.45
C VAL A 79 -4.03 13.56 2.63
N THR A 80 -3.71 13.95 3.87
CA THR A 80 -2.59 14.85 4.13
C THR A 80 -1.60 14.12 5.03
N ILE A 81 -0.31 14.49 4.95
CA ILE A 81 0.76 13.75 5.63
CA ILE A 81 0.74 13.76 5.64
C ILE A 81 1.71 14.77 6.24
N SER A 82 2.19 14.50 7.46
CA SER A 82 3.20 15.39 8.06
C SER A 82 4.59 15.09 7.51
N SER A 83 5.47 16.09 7.60
CA SER A 83 6.77 15.98 6.97
C SER A 83 7.66 14.94 7.62
N ASP A 84 7.39 14.59 8.87
CA ASP A 84 8.13 13.57 9.58
C ASP A 84 7.52 12.17 9.49
N GLY A 85 6.44 12.02 8.71
CA GLY A 85 5.82 10.73 8.56
C GLY A 85 5.09 10.21 9.76
N MET A 86 4.87 11.03 10.78
CA MET A 86 4.22 10.58 12.01
C MET A 86 2.72 10.72 12.03
N LEU A 87 2.15 11.50 11.11
CA LEU A 87 0.72 11.75 11.06
CA LEU A 87 0.71 11.74 11.07
C LEU A 87 0.22 11.64 9.65
N VAL A 88 -0.95 11.02 9.50
CA VAL A 88 -1.75 11.16 8.29
C VAL A 88 -3.14 11.60 8.73
N GLN A 89 -3.77 12.44 7.90
CA GLN A 89 -5.12 12.88 8.15
C GLN A 89 -5.94 12.70 6.95
N LEU A 90 -7.15 12.21 7.14
CA LEU A 90 -8.10 12.05 6.06
C LEU A 90 -9.19 13.09 6.13
N VAL A 91 -9.59 13.62 4.97
CA VAL A 91 -10.69 14.55 4.84
C VAL A 91 -11.84 13.74 4.27
N ASP A 92 -12.93 13.77 5.02
CA ASP A 92 -14.15 12.98 4.66
C ASP A 92 -15.38 13.88 4.77
N LEU A 93 -15.91 14.27 3.60
CA LEU A 93 -17.01 15.18 3.53
C LEU A 93 -18.35 14.45 3.76
N ASP A 94 -18.36 13.13 3.82
CA ASP A 94 -19.53 12.33 4.19
C ASP A 94 -20.75 12.61 3.31
N LYS A 95 -20.48 12.80 2.04
CA LYS A 95 -21.54 12.94 1.06
CA LYS A 95 -21.53 12.95 1.03
C LYS A 95 -21.88 11.61 0.37
N THR A 96 -20.86 10.81 0.08
CA THR A 96 -21.04 9.52 -0.54
C THR A 96 -21.20 8.55 0.59
N PRO A 97 -22.34 7.86 0.64
CA PRO A 97 -22.48 6.83 1.66
C PRO A 97 -21.73 5.58 1.27
N GLY A 98 -21.40 4.77 2.26
CA GLY A 98 -20.75 3.49 1.99
C GLY A 98 -19.52 3.31 2.82
N THR A 99 -18.79 2.24 2.51
CA THR A 99 -17.61 1.87 3.27
C THR A 99 -16.43 1.74 2.34
N THR A 100 -15.27 2.17 2.80
CA THR A 100 -14.03 1.93 2.07
C THR A 100 -13.03 1.31 3.01
N LYS A 101 -12.17 0.49 2.44
CA LYS A 101 -11.11 -0.15 3.19
C LYS A 101 -9.79 0.40 2.70
N PHE A 102 -8.85 0.63 3.59
CA PHE A 102 -7.54 1.15 3.22
C PHE A 102 -6.43 0.48 4.00
N GLN A 103 -5.22 0.65 3.49
CA GLN A 103 -4.04 0.16 4.14
C GLN A 103 -3.08 1.31 4.28
N PHE A 104 -2.52 1.49 5.48
CA PHE A 104 -1.44 2.44 5.63
C PHE A 104 -0.22 1.99 4.81
N VAL A 105 0.50 2.95 4.24
CA VAL A 105 1.70 2.70 3.48
C VAL A 105 2.84 3.37 4.22
N LEU A 106 3.87 2.61 4.56
CA LEU A 106 5.00 3.12 5.33
C LEU A 106 6.32 2.75 4.71
N SER A 107 7.29 3.65 4.76
CA SER A 107 8.66 3.30 4.51
C SER A 107 9.27 2.71 5.79
N ASN A 108 10.39 2.03 5.64
CA ASN A 108 11.15 1.54 6.77
C ASN A 108 12.61 1.74 6.50
N THR A 109 13.45 1.67 7.54
CA THR A 109 14.88 1.91 7.40
C THR A 109 15.72 0.66 7.32
N ALA A 110 15.09 -0.53 7.42
CA ALA A 110 15.79 -1.81 7.29
C ALA A 110 15.95 -2.24 5.83
N ASN A 111 14.98 -1.93 4.96
CA ASN A 111 15.03 -2.29 3.56
C ASN A 111 14.18 -1.30 2.77
N THR A 112 14.14 -1.51 1.46
CA THR A 112 13.52 -0.58 0.53
C THR A 112 12.15 -1.03 0.06
N LEU A 113 11.59 -2.02 0.74
CA LEU A 113 10.21 -2.44 0.53
C LEU A 113 9.29 -1.52 1.29
N LEU A 114 8.12 -1.18 0.73
CA LEU A 114 7.14 -0.46 1.49
C LEU A 114 6.38 -1.45 2.38
N VAL A 115 5.90 -0.96 3.53
CA VAL A 115 5.14 -1.74 4.49
C VAL A 115 3.68 -1.36 4.34
N LEU A 116 2.82 -2.37 4.31
CA LEU A 116 1.38 -2.18 4.28
C LEU A 116 0.74 -2.76 5.53
N SER A 117 -0.21 -2.07 6.12
CA SER A 117 -1.07 -2.69 7.10
C SER A 117 -1.96 -3.71 6.38
N PRO A 118 -2.57 -4.65 7.12
CA PRO A 118 -3.35 -5.70 6.47
C PRO A 118 -4.53 -5.22 5.67
N ASP A 119 -4.84 -5.96 4.62
CA ASP A 119 -5.95 -5.66 3.73
C ASP A 119 -7.23 -5.60 4.49
N PRO B 1 -7.55 -0.42 7.87
CA PRO B 1 -8.86 -0.38 8.52
C PRO B 1 -9.90 0.12 7.55
N ALA B 2 -11.10 0.34 8.04
CA ALA B 2 -12.19 0.80 7.22
C ALA B 2 -12.74 2.13 7.74
N ILE B 3 -13.41 2.82 6.83
CA ILE B 3 -14.18 4.02 7.14
C ILE B 3 -15.58 3.80 6.58
N ILE B 4 -16.57 4.06 7.42
CA ILE B 4 -17.99 3.90 7.04
C ILE B 4 -18.65 5.27 7.08
N ASN B 5 -19.15 5.70 5.91
CA ASN B 5 -19.85 6.97 5.77
C ASN B 5 -21.34 6.77 5.93
N ARG B 6 -21.91 7.51 6.87
CA ARG B 6 -23.38 7.59 7.04
CA ARG B 6 -23.38 7.59 7.04
C ARG B 6 -23.71 9.08 6.81
N PRO B 7 -24.09 9.46 5.58
CA PRO B 7 -24.37 10.88 5.30
C PRO B 7 -25.58 11.43 6.02
N GLN B 8 -25.57 12.75 6.23
CA GLN B 8 -26.71 13.46 6.82
C GLN B 8 -27.75 13.77 5.74
N ALA C 6 31.52 -15.05 -14.25
CA ALA C 6 30.78 -14.58 -13.04
C ALA C 6 29.32 -15.00 -13.20
N PRO C 7 28.70 -15.53 -12.14
CA PRO C 7 27.34 -16.04 -12.29
C PRO C 7 26.32 -14.94 -12.59
N GLN C 8 25.34 -15.33 -13.38
CA GLN C 8 24.25 -14.49 -13.83
C GLN C 8 22.96 -15.16 -13.35
N GLY C 9 21.89 -14.39 -13.31
CA GLY C 9 20.57 -14.86 -12.98
C GLY C 9 19.61 -14.59 -14.11
N LEU C 10 18.33 -14.77 -13.81
CA LEU C 10 17.27 -14.50 -14.78
C LEU C 10 16.67 -13.14 -14.52
N ALA C 11 16.37 -12.45 -15.61
CA ALA C 11 15.63 -11.17 -15.58
C ALA C 11 14.23 -11.42 -16.15
N GLN C 12 13.22 -11.44 -15.30
CA GLN C 12 11.87 -11.71 -15.71
C GLN C 12 11.12 -10.38 -15.87
N PHE C 13 10.06 -10.41 -16.65
CA PHE C 13 9.31 -9.22 -16.96
CA PHE C 13 9.36 -9.17 -17.02
C PHE C 13 7.82 -9.40 -16.97
N ILE C 14 7.14 -8.38 -16.50
CA ILE C 14 5.71 -8.34 -16.48
C ILE C 14 5.28 -6.92 -16.82
N LYS C 15 4.31 -6.78 -17.71
CA LYS C 15 3.62 -5.51 -17.96
C LYS C 15 2.37 -5.44 -17.11
N VAL C 16 2.24 -4.34 -16.38
CA VAL C 16 1.16 -4.09 -15.45
C VAL C 16 0.18 -3.16 -16.13
N ASN C 17 -0.87 -3.72 -16.70
CA ASN C 17 -1.87 -2.95 -17.44
C ASN C 17 -2.96 -2.55 -16.46
N VAL C 18 -3.27 -1.27 -16.36
CA VAL C 18 -4.29 -0.80 -15.41
C VAL C 18 -5.39 -0.07 -16.17
N THR C 19 -6.62 -0.48 -16.02
CA THR C 19 -7.74 0.16 -16.67
C THR C 19 -8.91 0.28 -15.68
N LEU C 20 -9.89 1.12 -15.95
CA LEU C 20 -11.03 1.24 -15.06
C LEU C 20 -12.20 0.36 -15.48
N GLU C 21 -12.84 -0.24 -14.49
CA GLU C 21 -14.10 -0.95 -14.66
C GLU C 21 -14.87 -0.69 -13.37
N ASN C 22 -16.15 -0.36 -13.50
CA ASN C 22 -16.95 0.06 -12.35
C ASN C 22 -16.31 1.24 -11.59
N GLY C 23 -15.60 2.12 -12.30
CA GLY C 23 -15.03 3.29 -11.71
C GLY C 23 -13.74 3.04 -10.94
N GLU C 24 -13.21 1.80 -10.96
CA GLU C 24 -12.05 1.49 -10.12
C GLU C 24 -11.03 0.70 -10.92
N PRO C 25 -9.79 0.68 -10.47
CA PRO C 25 -8.75 0.03 -11.25
C PRO C 25 -8.94 -1.49 -11.32
N VAL C 26 -8.48 -2.03 -12.43
CA VAL C 26 -8.29 -3.44 -12.67
C VAL C 26 -6.90 -3.63 -13.17
N PHE C 27 -6.15 -4.51 -12.52
CA PHE C 27 -4.76 -4.84 -12.88
C PHE C 27 -4.73 -6.12 -13.69
N ILE C 28 -4.23 -6.04 -14.91
CA ILE C 28 -4.15 -7.16 -15.83
C ILE C 28 -2.70 -7.29 -16.23
N TYR C 29 -2.08 -8.45 -16.02
CA TYR C 29 -0.70 -8.66 -16.28
C TYR C 29 -0.50 -9.32 -17.63
N THR C 30 0.45 -8.82 -18.39
CA THR C 30 0.84 -9.46 -19.64
C THR C 30 2.34 -9.72 -19.63
N ASP C 31 2.74 -10.74 -20.37
CA ASP C 31 4.13 -11.13 -20.42
C ASP C 31 4.83 -10.47 -21.56
N ALA C 32 6.08 -10.88 -21.78
CA ALA C 32 6.86 -10.23 -22.79
C ALA C 32 6.29 -10.47 -24.20
N ASN C 33 5.48 -11.52 -24.38
CA ASN C 33 4.80 -11.76 -25.64
C ASN C 33 3.41 -11.12 -25.78
N GLY C 34 3.01 -10.30 -24.81
CA GLY C 34 1.76 -9.58 -24.88
C GLY C 34 0.61 -10.44 -24.41
N GLN C 35 0.89 -11.64 -23.92
CA GLN C 35 -0.13 -12.56 -23.49
C GLN C 35 -0.51 -12.33 -22.04
N VAL C 36 -1.81 -12.40 -21.76
CA VAL C 36 -2.31 -12.25 -20.42
C VAL C 36 -1.80 -13.41 -19.62
N CYS C 37 -1.34 -13.10 -18.42
CA CYS C 37 -0.86 -14.08 -17.52
C CYS C 37 -1.37 -13.80 -16.15
N GLN C 38 -1.24 -14.80 -15.31
CA GLN C 38 -1.80 -14.69 -13.99
C GLN C 38 -1.07 -13.66 -13.13
N GLY C 39 0.22 -13.50 -13.37
CA GLY C 39 0.96 -12.41 -12.75
C GLY C 39 2.01 -12.82 -11.72
N ASP C 40 1.85 -13.96 -11.09
CA ASP C 40 2.84 -14.41 -10.13
C ASP C 40 4.14 -14.86 -10.82
N ILE C 41 5.27 -14.73 -10.14
CA ILE C 41 6.57 -15.06 -10.69
C ILE C 41 7.28 -16.04 -9.76
N THR C 42 7.89 -17.06 -10.36
CA THR C 42 8.68 -18.05 -9.65
C THR C 42 10.16 -17.77 -9.92
N VAL C 43 10.94 -17.82 -8.84
CA VAL C 43 12.36 -17.54 -8.88
CA VAL C 43 12.37 -17.55 -8.89
C VAL C 43 13.10 -18.78 -8.38
N THR C 44 14.04 -19.25 -9.19
CA THR C 44 14.73 -20.49 -8.90
C THR C 44 16.22 -20.26 -8.74
N GLN C 45 16.66 -19.04 -9.04
CA GLN C 45 18.01 -18.59 -8.78
CA GLN C 45 18.00 -18.59 -8.66
C GLN C 45 17.96 -17.07 -8.62
N ALA C 46 19.02 -16.49 -8.08
CA ALA C 46 19.14 -15.07 -7.91
C ALA C 46 18.82 -14.36 -9.23
N GLY C 47 18.05 -13.28 -9.16
CA GLY C 47 17.74 -12.52 -10.35
C GLY C 47 16.87 -11.32 -10.07
N THR C 48 16.24 -10.84 -11.15
CA THR C 48 15.42 -9.63 -11.07
C THR C 48 14.04 -9.88 -11.64
N ILE C 49 13.07 -9.10 -11.22
CA ILE C 49 11.76 -9.06 -11.85
CA ILE C 49 11.77 -9.05 -11.88
C ILE C 49 11.46 -7.58 -12.13
N THR C 50 11.15 -7.26 -13.37
CA THR C 50 10.85 -5.94 -13.83
C THR C 50 9.40 -5.79 -14.20
N TYR C 51 8.77 -4.78 -13.65
CA TYR C 51 7.36 -4.49 -13.87
C TYR C 51 7.24 -3.14 -14.54
N LEU C 52 6.62 -3.12 -15.73
CA LEU C 52 6.41 -1.93 -16.54
C LEU C 52 4.98 -1.49 -16.45
N LEU C 53 4.73 -0.23 -16.07
CA LEU C 53 3.38 0.28 -15.97
C LEU C 53 2.83 0.66 -17.31
N ASN C 54 1.67 0.11 -17.66
CA ASN C 54 0.85 0.55 -18.79
C ASN C 54 -0.44 1.08 -18.25
N ASP C 55 -0.43 2.36 -17.91
CA ASP C 55 -1.60 3.04 -17.42
C ASP C 55 -2.55 3.30 -18.58
N GLN C 56 -3.64 2.56 -18.64
CA GLN C 56 -4.64 2.72 -19.70
C GLN C 56 -5.72 3.70 -19.26
N THR C 57 -5.67 4.20 -18.04
CA THR C 57 -6.65 5.09 -17.48
C THR C 57 -6.27 6.57 -17.84
N LEU C 58 -7.13 7.49 -17.47
CA LEU C 58 -6.85 8.91 -17.51
C LEU C 58 -6.52 9.45 -16.10
N LYS C 59 -6.11 8.59 -15.19
CA LYS C 59 -5.89 8.96 -13.79
C LYS C 59 -4.45 9.27 -13.45
N GLY C 60 -3.55 9.30 -14.43
CA GLY C 60 -2.20 9.71 -14.17
C GLY C 60 -1.46 8.83 -13.17
N LEU C 61 -1.58 7.52 -13.29
CA LEU C 61 -0.94 6.63 -12.36
C LEU C 61 0.57 6.61 -12.52
N LYS C 62 1.26 6.49 -11.39
CA LYS C 62 2.70 6.35 -11.34
CA LYS C 62 2.70 6.35 -11.34
C LYS C 62 3.09 5.42 -10.21
N PHE C 63 3.99 4.48 -10.43
CA PHE C 63 4.46 3.72 -9.28
C PHE C 63 5.19 4.61 -8.29
N VAL C 64 4.95 4.38 -7.00
CA VAL C 64 5.73 4.99 -5.91
C VAL C 64 6.42 3.93 -5.07
N GLY C 65 6.20 2.65 -5.31
CA GLY C 65 6.88 1.59 -4.59
C GLY C 65 6.09 0.30 -4.67
N VAL C 66 6.56 -0.69 -3.95
CA VAL C 66 5.95 -2.00 -3.88
C VAL C 66 5.79 -2.34 -2.39
N GLY C 67 4.56 -2.64 -2.01
CA GLY C 67 4.20 -2.82 -0.59
C GLY C 67 3.92 -4.24 -0.19
N PHE C 68 4.29 -4.55 1.05
CA PHE C 68 4.28 -5.90 1.60
C PHE C 68 3.71 -5.84 2.99
N VAL C 69 2.78 -6.74 3.27
CA VAL C 69 2.27 -6.90 4.63
C VAL C 69 3.31 -7.64 5.48
N THR C 70 4.20 -8.41 4.86
CA THR C 70 5.32 -9.09 5.57
C THR C 70 6.67 -8.68 4.95
N PRO C 71 7.02 -7.40 5.10
CA PRO C 71 8.19 -6.86 4.40
C PRO C 71 9.53 -7.39 4.84
N PHE C 72 9.57 -8.07 5.99
CA PHE C 72 10.83 -8.57 6.52
C PHE C 72 11.01 -10.06 6.32
N ASP C 73 10.24 -10.66 5.40
CA ASP C 73 10.29 -12.08 5.22
C ASP C 73 11.47 -12.60 4.40
N GLY C 74 12.21 -11.69 3.78
CA GLY C 74 13.40 -12.07 3.08
C GLY C 74 13.20 -12.60 1.68
N ILE C 75 11.97 -12.71 1.19
CA ILE C 75 11.72 -13.25 -0.13
C ILE C 75 12.24 -12.27 -1.19
N ILE C 76 11.88 -11.00 -1.05
CA ILE C 76 12.39 -9.93 -1.93
C ILE C 76 13.37 -9.09 -1.10
N ASP C 77 14.57 -8.83 -1.64
CA ASP C 77 15.65 -8.12 -0.99
CA ASP C 77 15.57 -8.09 -0.90
C ASP C 77 15.58 -6.60 -1.12
N ALA C 78 15.10 -6.12 -2.28
CA ALA C 78 15.10 -4.72 -2.57
C ALA C 78 14.13 -4.39 -3.66
N VAL C 79 13.70 -3.13 -3.67
CA VAL C 79 12.87 -2.56 -4.73
C VAL C 79 13.57 -1.36 -5.28
N THR C 80 13.64 -1.24 -6.60
CA THR C 80 14.10 -0.03 -7.24
C THR C 80 13.00 0.55 -8.13
N ILE C 81 13.02 1.87 -8.32
CA ILE C 81 11.96 2.54 -9.05
CA ILE C 81 11.93 2.57 -9.01
C ILE C 81 12.55 3.59 -9.98
N SER C 82 11.97 3.74 -11.15
CA SER C 82 12.44 4.76 -12.08
C SER C 82 11.89 6.13 -11.71
N SER C 83 12.58 7.19 -12.17
CA SER C 83 12.23 8.55 -11.77
C SER C 83 10.88 8.96 -12.30
N ASP C 84 10.44 8.36 -13.40
CA ASP C 84 9.17 8.67 -14.03
C ASP C 84 8.04 7.79 -13.53
N GLY C 85 8.30 6.91 -12.55
CA GLY C 85 7.23 6.09 -12.03
C GLY C 85 6.71 5.01 -12.96
N MET C 86 7.40 4.74 -14.06
CA MET C 86 6.94 3.74 -15.02
C MET C 86 7.47 2.36 -14.82
N LEU C 87 8.53 2.22 -14.02
CA LEU C 87 9.16 0.91 -13.78
C LEU C 87 9.41 0.71 -12.31
N VAL C 88 9.14 -0.50 -11.82
CA VAL C 88 9.71 -0.98 -10.57
C VAL C 88 10.41 -2.29 -10.86
N GLN C 89 11.51 -2.51 -10.14
CA GLN C 89 12.24 -3.76 -10.27
C GLN C 89 12.50 -4.32 -8.90
N LEU C 90 12.34 -5.62 -8.78
CA LEU C 90 12.63 -6.33 -7.57
C LEU C 90 13.90 -7.14 -7.71
N VAL C 91 14.70 -7.13 -6.63
CA VAL C 91 15.92 -7.92 -6.52
C VAL C 91 15.60 -9.08 -5.60
N ASP C 92 15.79 -10.29 -6.12
CA ASP C 92 15.47 -11.58 -5.43
C ASP C 92 16.64 -12.49 -5.54
N LEU C 93 17.42 -12.53 -4.45
CA LEU C 93 18.66 -13.29 -4.41
C LEU C 93 18.32 -14.77 -4.21
N ASP C 94 17.06 -15.11 -3.94
CA ASP C 94 16.55 -16.47 -3.84
C ASP C 94 17.27 -17.27 -2.77
N LYS C 95 17.58 -16.62 -1.66
CA LYS C 95 18.36 -17.28 -0.59
CA LYS C 95 18.36 -17.27 -0.59
C LYS C 95 17.41 -17.75 0.51
N THR C 96 16.19 -17.20 0.54
CA THR C 96 15.15 -17.59 1.48
C THR C 96 14.08 -18.23 0.65
N PRO C 97 13.77 -19.48 0.96
CA PRO C 97 12.66 -20.13 0.28
C PRO C 97 11.32 -19.68 0.82
N GLY C 98 10.27 -19.79 0.03
CA GLY C 98 8.94 -19.41 0.47
C GLY C 98 8.24 -18.52 -0.52
N THR C 99 7.09 -18.03 -0.11
CA THR C 99 6.21 -17.21 -0.93
CA THR C 99 6.27 -17.16 -0.94
C THR C 99 5.94 -15.88 -0.19
N THR C 100 5.91 -14.79 -0.94
CA THR C 100 5.40 -13.51 -0.41
C THR C 100 4.40 -12.91 -1.38
N LYS C 101 3.50 -12.13 -0.80
CA LYS C 101 2.48 -11.42 -1.55
C LYS C 101 2.77 -9.94 -1.44
N PHE C 102 2.54 -9.22 -2.51
CA PHE C 102 2.77 -7.79 -2.52
C PHE C 102 1.66 -7.09 -3.29
N GLN C 103 1.61 -5.78 -3.08
CA GLN C 103 0.68 -4.89 -3.79
C GLN C 103 1.46 -3.71 -4.32
N PHE C 104 1.28 -3.42 -5.61
CA PHE C 104 1.81 -2.22 -6.17
C PHE C 104 1.21 -1.00 -5.49
N VAL C 105 2.02 0.05 -5.32
CA VAL C 105 1.61 1.30 -4.72
C VAL C 105 1.80 2.38 -5.76
N LEU C 106 0.73 3.11 -6.08
CA LEU C 106 0.76 4.11 -7.12
C LEU C 106 0.17 5.43 -6.66
N SER C 107 0.72 6.54 -7.09
CA SER C 107 0.07 7.82 -6.97
C SER C 107 -0.86 8.00 -8.18
N ASN C 108 -1.80 8.94 -8.05
CA ASN C 108 -2.67 9.32 -9.15
C ASN C 108 -2.83 10.82 -9.17
N THR C 109 -3.28 11.36 -10.31
CA THR C 109 -3.44 12.79 -10.46
C THR C 109 -4.87 13.30 -10.26
N ALA C 110 -5.81 12.40 -9.98
CA ALA C 110 -7.19 12.77 -9.69
C ALA C 110 -7.39 13.15 -8.23
N ASN C 111 -6.70 12.47 -7.31
CA ASN C 111 -6.82 12.73 -5.88
C ASN C 111 -5.51 12.36 -5.22
N THR C 112 -5.47 12.56 -3.90
CA THR C 112 -4.28 12.40 -3.09
C THR C 112 -4.23 11.07 -2.33
N LEU C 113 -5.11 10.14 -2.70
CA LEU C 113 -5.11 8.80 -2.15
C LEU C 113 -4.11 7.97 -2.93
N LEU C 114 -3.38 7.10 -2.28
CA LEU C 114 -2.56 6.14 -3.02
C LEU C 114 -3.46 4.97 -3.49
N VAL C 115 -3.03 4.41 -4.62
CA VAL C 115 -3.70 3.30 -5.24
C VAL C 115 -2.94 2.04 -4.93
N LEU C 116 -3.65 0.98 -4.54
CA LEU C 116 -3.06 -0.34 -4.33
C LEU C 116 -3.65 -1.36 -5.28
N SER C 117 -2.83 -2.28 -5.80
CA SER C 117 -3.39 -3.44 -6.45
C SER C 117 -3.97 -4.37 -5.38
N PRO C 118 -4.83 -5.33 -5.74
CA PRO C 118 -5.49 -6.11 -4.72
C PRO C 118 -4.59 -6.93 -3.84
N ASP C 119 -5.01 -7.16 -2.61
CA ASP C 119 -4.17 -7.87 -1.65
C ASP C 119 -3.97 -9.29 -2.14
N PRO D 1 0.42 -9.26 -6.58
CA PRO D 1 0.76 -10.61 -7.00
C PRO D 1 1.65 -11.26 -6.01
N ALA D 2 2.15 -12.44 -6.36
CA ALA D 2 3.07 -13.15 -5.52
C ALA D 2 4.39 -13.46 -6.19
N ILE D 3 5.38 -13.70 -5.33
CA ILE D 3 6.66 -14.19 -5.73
C ILE D 3 6.89 -15.50 -4.95
N ILE D 4 7.32 -16.53 -5.68
CA ILE D 4 7.58 -17.86 -5.13
C ILE D 4 9.08 -18.16 -5.30
N ASN D 5 9.78 -18.27 -4.17
CA ASN D 5 11.18 -18.65 -4.16
C ASN D 5 11.34 -20.15 -3.98
N ARG D 6 11.95 -20.77 -4.99
CA ARG D 6 12.40 -22.15 -4.87
CA ARG D 6 12.41 -22.16 -4.91
C ARG D 6 13.94 -22.09 -4.90
N PRO D 7 14.58 -22.07 -3.71
CA PRO D 7 16.05 -22.21 -3.71
C PRO D 7 16.53 -23.65 -3.98
C1 MPD E . 12.21 -0.16 23.18
C2 MPD E . 10.87 -0.18 22.47
O2 MPD E . 11.20 -0.30 21.05
CM MPD E . 10.25 1.16 22.85
C3 MPD E . 9.96 -1.39 22.77
C4 MPD E . 8.82 -1.31 23.80
O4 MPD E . 7.59 -0.64 23.45
C5 MPD E . 8.46 -2.74 24.21
CA CA F . 6.05 -9.47 19.54
CA CA G . -1.65 5.27 -21.41
#